data_1ZJW
#
_entry.id   1ZJW
#
_cell.length_a   238.665
_cell.length_b   93.465
_cell.length_c   114.550
_cell.angle_alpha   90.00
_cell.angle_beta   90.00
_cell.angle_gamma   90.00
#
_symmetry.space_group_name_H-M   'C 2 2 21'
#
loop_
_entity.id
_entity.type
_entity.pdbx_description
1 polymer Glutaminyl-tRNA
2 polymer 'Glutaminyl-tRNA synthetase'
3 non-polymer 'SULFATE ION'
4 non-polymer 'ADENOSINE MONOPHOSPHATE'
5 non-polymer GLUTAMINE
6 water water
#
loop_
_entity_poly.entity_id
_entity_poly.type
_entity_poly.pdbx_seq_one_letter_code
_entity_poly.pdbx_strand_id
1 'polyribonucleotide' GGGGGUAUCGCCAAGCGGUAAGGCACCGGAUUCUGAUUCCGGCAUUCCGAGGUUCGAAUCCUCGUACCCCAGCCA B
2 'polypeptide(L)'
;SEAEARPTNFIRQIIDEDLASGKHTTVHTRFPPEPNGYLHIGHAKSICLNFGIAQDYKGQCNLRFDDTNPVKEDIEYVES
IKNDVEWLGFHWSGNVRYSSDYFDQLHAYAIELINKGLAYVDELTPEQIREYRGTLTQPGKNSPYRDRSVEENLALFEKM
RAGGFEEGKACLRAKIDMASPFIVMRDPVLYRIKFAEHHQTGNKWCIYPMYDFTHCISDALEGITHSLCTLEFQDNRRLY
DWVLDNITIPVHPRQYEFSRLNLEYTVMSKRKLNLLVTDKHVEGWDDPRMPTISGLRRRGYTAASIREFCKRIGVTKQDN
TIEMASLESCIREDLNENAPRAMAVIDPVKLVIENYQGEGEMVTMPNHPNKPEMGSRQVPFSGEIWIDRADFREEANKQY
KRLVLGKEVRLRNAYVIKAERVEKDAEGNITTIFCTYDADTLSKDPADGRKVKGVIHWVSAAHALPVEIRLYDRLFSVPN
PGAADDFLSVINPESLVIKQGFAEPSLKDAVAGKAFQFEREGYFCLDSRHSTAEKPVFNRTVGLRDTWAKVGE
;
A
#
loop_
_chem_comp.id
_chem_comp.type
_chem_comp.name
_chem_comp.formula
A RNA linking ADENOSINE-5'-MONOPHOSPHATE 'C10 H14 N5 O7 P'
AMP non-polymer 'ADENOSINE MONOPHOSPHATE' 'C10 H14 N5 O7 P'
C RNA linking CYTIDINE-5'-MONOPHOSPHATE 'C9 H14 N3 O8 P'
G RNA linking GUANOSINE-5'-MONOPHOSPHATE 'C10 H14 N5 O8 P'
SO4 non-polymer 'SULFATE ION' 'O4 S -2'
U RNA linking URIDINE-5'-MONOPHOSPHATE 'C9 H13 N2 O9 P'
#
# COMPACT_ATOMS: atom_id res chain seq x y z
N THR B 8 -19.63 10.73 -6.25
CA THR B 8 -20.76 10.35 -5.37
C THR B 8 -20.79 8.85 -5.09
N ASN B 9 -21.18 8.48 -3.88
CA ASN B 9 -21.27 7.09 -3.44
C ASN B 9 -22.31 7.06 -2.33
N PHE B 10 -22.72 5.89 -1.87
CA PHE B 10 -23.73 5.89 -0.84
C PHE B 10 -23.39 6.70 0.41
N ILE B 11 -22.11 6.81 0.73
CA ILE B 11 -21.73 7.57 1.92
C ILE B 11 -21.86 9.09 1.70
N ARG B 12 -21.40 9.59 0.56
CA ARG B 12 -21.53 11.02 0.31
C ARG B 12 -23.01 11.41 0.25
N GLN B 13 -23.86 10.49 -0.17
CA GLN B 13 -25.29 10.75 -0.25
C GLN B 13 -25.86 10.86 1.15
N ILE B 14 -25.37 10.03 2.06
CA ILE B 14 -25.84 10.09 3.44
C ILE B 14 -25.42 11.43 4.04
N ILE B 15 -24.19 11.84 3.75
CA ILE B 15 -23.70 13.10 4.28
C ILE B 15 -24.59 14.23 3.77
N ASP B 16 -24.84 14.23 2.47
CA ASP B 16 -25.70 15.24 1.83
C ASP B 16 -27.04 15.36 2.55
N GLU B 17 -27.67 14.22 2.80
CA GLU B 17 -28.97 14.20 3.48
C GLU B 17 -28.90 14.74 4.90
N ASP B 18 -27.80 14.49 5.61
CA ASP B 18 -27.67 14.98 6.97
C ASP B 18 -27.47 16.49 6.96
N LEU B 19 -26.83 16.98 5.90
CA LEU B 19 -26.57 18.40 5.76
C LEU B 19 -27.89 19.12 5.46
N ALA B 20 -28.66 18.53 4.55
CA ALA B 20 -29.96 19.07 4.17
C ALA B 20 -30.94 19.09 5.35
N SER B 21 -31.14 17.95 5.98
CA SER B 21 -32.07 17.85 7.11
C SER B 21 -31.62 18.68 8.30
N GLY B 22 -30.38 19.14 8.28
CA GLY B 22 -29.87 19.94 9.38
C GLY B 22 -29.29 19.12 10.51
N LYS B 23 -29.17 17.80 10.31
CA LYS B 23 -28.61 16.93 11.34
C LYS B 23 -27.18 17.32 11.62
N HIS B 24 -26.48 17.79 10.60
CA HIS B 24 -25.09 18.23 10.76
C HIS B 24 -24.95 19.54 10.01
N THR B 25 -23.94 20.31 10.39
CA THR B 25 -23.65 21.58 9.73
C THR B 25 -22.19 21.57 9.28
N THR B 26 -21.53 20.45 9.57
CA THR B 26 -20.13 20.23 9.19
C THR B 26 -19.90 18.73 9.18
N VAL B 27 -18.87 18.29 8.47
CA VAL B 27 -18.56 16.87 8.46
C VAL B 27 -17.18 16.71 9.09
N HIS B 28 -17.05 15.68 9.91
CA HIS B 28 -15.79 15.41 10.60
C HIS B 28 -15.57 13.92 10.59
N THR B 29 -14.54 13.51 9.85
CA THR B 29 -14.18 12.10 9.71
C THR B 29 -12.83 11.78 10.32
N ARG B 30 -12.44 10.52 10.23
CA ARG B 30 -11.13 10.13 10.74
C ARG B 30 -10.54 8.88 10.10
N PHE B 31 -9.21 8.84 10.05
CA PHE B 31 -8.51 7.68 9.53
C PHE B 31 -7.83 7.14 10.80
N PRO B 32 -8.29 5.99 11.31
CA PRO B 32 -7.76 5.36 12.52
C PRO B 32 -6.95 4.05 12.40
N PRO B 33 -5.80 4.08 11.73
CA PRO B 33 -5.01 2.85 11.61
C PRO B 33 -4.32 2.42 12.91
N GLU B 34 -4.16 1.11 13.11
CA GLU B 34 -3.45 0.61 14.29
C GLU B 34 -1.96 0.59 13.92
N PRO B 35 -1.09 1.06 14.81
CA PRO B 35 0.33 1.01 14.43
C PRO B 35 0.98 -0.36 14.66
N ASN B 36 0.54 -1.35 13.88
CA ASN B 36 1.07 -2.69 13.94
C ASN B 36 1.61 -3.13 12.58
N GLY B 37 1.96 -2.16 11.74
CA GLY B 37 2.50 -2.51 10.43
C GLY B 37 2.42 -1.32 9.51
N TYR B 38 2.92 -1.45 8.29
CA TYR B 38 2.86 -0.34 7.33
C TYR B 38 1.52 -0.29 6.61
N LEU B 39 1.21 0.87 6.07
CA LEU B 39 -0.05 1.06 5.34
C LEU B 39 0.03 0.42 3.96
N HIS B 40 -1.09 -0.14 3.50
CA HIS B 40 -1.14 -0.73 2.16
C HIS B 40 -2.18 0.00 1.30
N ILE B 41 -2.23 -0.35 0.03
CA ILE B 41 -3.15 0.27 -0.93
C ILE B 41 -4.59 0.27 -0.40
N GLY B 42 -4.92 -0.69 0.45
CA GLY B 42 -6.25 -0.75 1.02
C GLY B 42 -6.47 0.44 1.95
N HIS B 43 -5.45 0.79 2.71
CA HIS B 43 -5.53 1.93 3.61
C HIS B 43 -5.71 3.19 2.77
N ALA B 44 -5.09 3.20 1.59
CA ALA B 44 -5.17 4.33 0.68
C ALA B 44 -6.63 4.59 0.29
N LYS B 45 -7.40 3.52 0.10
CA LYS B 45 -8.80 3.66 -0.25
C LYS B 45 -9.53 4.37 0.89
N SER B 46 -9.19 3.98 2.12
CA SER B 46 -9.79 4.56 3.31
C SER B 46 -9.31 6.00 3.52
N ILE B 47 -8.04 6.24 3.21
CA ILE B 47 -7.46 7.58 3.36
C ILE B 47 -8.10 8.56 2.39
N CYS B 48 -8.26 8.13 1.15
CA CYS B 48 -8.88 8.97 0.13
C CYS B 48 -10.32 9.27 0.49
N LEU B 49 -11.03 8.27 1.01
CA LEU B 49 -12.43 8.42 1.42
C LEU B 49 -12.60 9.45 2.55
N ASN B 50 -11.95 9.20 3.68
CA ASN B 50 -12.06 10.09 4.83
C ASN B 50 -11.48 11.50 4.65
N PHE B 51 -10.28 11.61 4.11
CA PHE B 51 -9.69 12.94 3.89
C PHE B 51 -10.34 13.61 2.69
N GLY B 52 -10.74 12.83 1.69
CA GLY B 52 -11.37 13.37 0.51
C GLY B 52 -12.72 14.00 0.85
N ILE B 53 -13.52 13.30 1.65
CA ILE B 53 -14.83 13.81 2.03
C ILE B 53 -14.65 15.09 2.84
N ALA B 54 -13.66 15.10 3.72
CA ALA B 54 -13.40 16.27 4.55
C ALA B 54 -13.12 17.50 3.70
N GLN B 55 -12.25 17.39 2.71
CA GLN B 55 -11.94 18.56 1.90
C GLN B 55 -13.02 18.93 0.89
N ASP B 56 -13.77 17.96 0.41
CA ASP B 56 -14.83 18.28 -0.53
C ASP B 56 -15.95 19.01 0.20
N TYR B 57 -16.18 18.68 1.47
CA TYR B 57 -17.24 19.33 2.23
C TYR B 57 -16.73 20.39 3.18
N LYS B 58 -15.51 20.87 2.93
CA LYS B 58 -14.91 21.90 3.78
C LYS B 58 -15.00 21.49 5.25
N GLY B 59 -14.64 20.24 5.53
CA GLY B 59 -14.68 19.75 6.89
C GLY B 59 -13.32 19.37 7.45
N GLN B 60 -13.31 18.49 8.44
CA GLN B 60 -12.07 18.06 9.07
C GLN B 60 -11.94 16.53 9.14
N CYS B 61 -10.71 16.05 9.07
CA CYS B 61 -10.42 14.62 9.17
C CYS B 61 -9.21 14.43 10.08
N ASN B 62 -9.39 13.67 11.14
CA ASN B 62 -8.31 13.41 12.09
C ASN B 62 -7.50 12.19 11.72
N LEU B 63 -6.26 12.18 12.16
CA LEU B 63 -5.38 11.04 11.96
C LEU B 63 -5.29 10.53 13.39
N ARG B 64 -5.75 9.30 13.59
CA ARG B 64 -5.73 8.73 14.92
C ARG B 64 -5.13 7.34 14.93
N PHE B 65 -4.17 7.14 15.81
CA PHE B 65 -3.52 5.85 15.93
C PHE B 65 -4.30 5.07 16.98
N ASP B 66 -4.94 3.99 16.55
CA ASP B 66 -5.72 3.16 17.47
C ASP B 66 -4.75 2.21 18.16
N ASP B 67 -4.00 2.75 19.13
CA ASP B 67 -3.00 2.02 19.87
C ASP B 67 -3.47 1.43 21.21
N THR B 68 -4.42 0.50 21.16
CA THR B 68 -4.97 -0.13 22.36
C THR B 68 -4.41 -1.53 22.68
N ASN B 69 -3.42 -1.98 21.93
CA ASN B 69 -2.84 -3.30 22.16
C ASN B 69 -1.34 -3.20 21.96
N PRO B 70 -0.62 -2.81 23.02
CA PRO B 70 0.83 -2.61 23.10
C PRO B 70 1.71 -3.72 22.54
N VAL B 71 1.39 -4.97 22.85
CA VAL B 71 2.21 -6.08 22.38
C VAL B 71 2.33 -6.24 20.87
N LYS B 72 1.41 -5.62 20.12
CA LYS B 72 1.44 -5.75 18.67
C LYS B 72 1.88 -4.49 17.94
N GLU B 73 2.13 -3.42 18.70
CA GLU B 73 2.49 -2.15 18.09
C GLU B 73 3.91 -1.69 18.28
N ASP B 74 4.32 -0.72 17.46
CA ASP B 74 5.66 -0.16 17.55
C ASP B 74 5.69 1.30 17.09
N ILE B 75 6.62 2.05 17.66
CA ILE B 75 6.77 3.46 17.31
C ILE B 75 7.21 3.58 15.86
N GLU B 76 7.83 2.54 15.32
CA GLU B 76 8.29 2.59 13.94
C GLU B 76 7.12 2.70 12.98
N TYR B 77 6.02 2.04 13.32
CA TYR B 77 4.85 2.07 12.47
C TYR B 77 4.18 3.43 12.49
N VAL B 78 4.00 4.01 13.68
CA VAL B 78 3.36 5.32 13.72
C VAL B 78 4.17 6.28 12.87
N GLU B 79 5.50 6.16 12.93
CA GLU B 79 6.37 7.03 12.13
C GLU B 79 6.10 6.91 10.63
N SER B 80 6.05 5.67 10.13
CA SER B 80 5.84 5.46 8.70
C SER B 80 4.42 5.79 8.25
N ILE B 81 3.45 5.60 9.13
CA ILE B 81 2.08 5.91 8.77
C ILE B 81 1.88 7.41 8.52
N LYS B 82 2.46 8.24 9.39
CA LYS B 82 2.32 9.68 9.20
C LYS B 82 3.01 10.05 7.90
N ASN B 83 4.07 9.31 7.60
CA ASN B 83 4.81 9.55 6.37
C ASN B 83 3.97 9.26 5.13
N ASP B 84 3.33 8.08 5.10
CA ASP B 84 2.50 7.70 3.95
C ASP B 84 1.29 8.59 3.73
N VAL B 85 0.62 8.98 4.81
CA VAL B 85 -0.55 9.85 4.70
C VAL B 85 -0.11 11.16 4.07
N GLU B 86 1.01 11.69 4.54
CA GLU B 86 1.53 12.93 4.00
C GLU B 86 1.92 12.77 2.53
N TRP B 87 2.59 11.67 2.22
CA TRP B 87 3.01 11.44 0.84
C TRP B 87 1.82 11.35 -0.11
N LEU B 88 0.72 10.75 0.35
CA LEU B 88 -0.46 10.64 -0.51
C LEU B 88 -1.05 12.00 -0.83
N GLY B 89 -0.70 13.01 -0.04
CA GLY B 89 -1.19 14.36 -0.29
C GLY B 89 -2.30 14.88 0.62
N PHE B 90 -2.39 14.33 1.82
CA PHE B 90 -3.45 14.74 2.72
C PHE B 90 -2.98 15.30 4.05
N HIS B 91 -3.76 16.21 4.60
CA HIS B 91 -3.41 16.82 5.88
C HIS B 91 -4.53 16.55 6.88
N TRP B 92 -4.16 16.16 8.09
CA TRP B 92 -5.13 15.90 9.11
C TRP B 92 -5.41 17.14 9.93
N SER B 93 -6.51 17.09 10.69
CA SER B 93 -6.96 18.19 11.53
C SER B 93 -6.21 18.25 12.87
N GLY B 94 -5.62 19.40 13.17
CA GLY B 94 -4.89 19.55 14.42
C GLY B 94 -3.77 18.53 14.58
N ASN B 95 -3.48 18.16 15.82
CA ASN B 95 -2.42 17.20 16.09
C ASN B 95 -2.83 15.77 15.80
N VAL B 96 -1.83 14.93 15.64
CA VAL B 96 -2.03 13.50 15.45
C VAL B 96 -2.68 13.05 16.76
N ARG B 97 -3.68 12.19 16.69
CA ARG B 97 -4.32 11.71 17.92
C ARG B 97 -3.93 10.27 18.16
N TYR B 98 -4.12 9.84 19.40
CA TYR B 98 -3.83 8.47 19.81
C TYR B 98 -4.94 8.04 20.75
N SER B 99 -5.41 6.80 20.60
CA SER B 99 -6.44 6.27 21.47
C SER B 99 -5.91 6.34 22.89
N SER B 100 -4.62 6.09 23.04
CA SER B 100 -3.99 6.13 24.35
C SER B 100 -4.15 7.51 25.01
N ASP B 101 -4.31 8.56 24.20
CA ASP B 101 -4.51 9.90 24.77
C ASP B 101 -5.78 9.89 25.61
N TYR B 102 -6.66 8.90 25.39
CA TYR B 102 -7.93 8.79 26.11
C TYR B 102 -7.98 7.73 27.21
N PHE B 103 -6.86 7.08 27.49
CA PHE B 103 -6.85 6.05 28.53
C PHE B 103 -7.46 6.45 29.86
N ASP B 104 -7.21 7.69 30.29
CA ASP B 104 -7.77 8.14 31.55
C ASP B 104 -9.27 8.30 31.43
N GLN B 105 -9.69 8.78 30.26
CA GLN B 105 -11.09 9.00 29.93
C GLN B 105 -11.78 7.63 29.84
N LEU B 106 -11.17 6.69 29.11
CA LEU B 106 -11.74 5.36 28.99
C LEU B 106 -11.90 4.74 30.37
N HIS B 107 -10.88 4.85 31.20
CA HIS B 107 -10.93 4.31 32.55
C HIS B 107 -12.11 4.87 33.35
N ALA B 108 -12.36 6.18 33.19
CA ALA B 108 -13.49 6.81 33.88
C ALA B 108 -14.84 6.30 33.37
N TYR B 109 -14.97 6.16 32.04
CA TYR B 109 -16.20 5.67 31.47
C TYR B 109 -16.48 4.22 31.87
N ALA B 110 -15.42 3.44 32.10
CA ALA B 110 -15.61 2.05 32.52
C ALA B 110 -16.24 2.12 33.92
N ILE B 111 -15.68 2.99 34.75
CA ILE B 111 -16.17 3.18 36.11
C ILE B 111 -17.62 3.62 36.08
N GLU B 112 -17.99 4.47 35.13
CA GLU B 112 -19.39 4.89 35.05
C GLU B 112 -20.26 3.65 34.79
N LEU B 113 -19.88 2.81 33.82
CA LEU B 113 -20.66 1.60 33.53
C LEU B 113 -20.80 0.68 34.75
N ILE B 114 -19.71 0.48 35.47
CA ILE B 114 -19.72 -0.35 36.66
C ILE B 114 -20.75 0.24 37.63
N ASN B 115 -20.65 1.55 37.86
CA ASN B 115 -21.56 2.23 38.78
C ASN B 115 -23.00 2.06 38.35
N LYS B 116 -23.22 1.76 37.08
CA LYS B 116 -24.58 1.59 36.59
C LYS B 116 -24.99 0.13 36.48
N GLY B 117 -24.13 -0.76 36.96
CA GLY B 117 -24.41 -2.19 36.91
C GLY B 117 -24.29 -2.74 35.49
N LEU B 118 -23.68 -1.97 34.58
CA LEU B 118 -23.54 -2.42 33.20
C LEU B 118 -22.16 -3.00 32.89
N ALA B 119 -21.39 -3.27 33.92
CA ALA B 119 -20.05 -3.84 33.77
C ALA B 119 -19.60 -4.51 35.08
N TYR B 120 -18.82 -5.57 34.95
CA TYR B 120 -18.36 -6.30 36.14
C TYR B 120 -17.04 -6.96 35.83
N VAL B 121 -16.28 -7.26 36.88
CA VAL B 121 -15.00 -7.94 36.72
C VAL B 121 -15.28 -9.43 36.71
N ASP B 122 -14.93 -10.08 35.60
CA ASP B 122 -15.14 -11.50 35.45
C ASP B 122 -13.83 -12.24 35.70
N GLU B 123 -13.92 -13.42 36.30
CA GLU B 123 -12.72 -14.21 36.58
C GLU B 123 -12.74 -15.55 35.85
N LEU B 124 -13.63 -15.65 34.87
CA LEU B 124 -13.71 -16.83 34.05
C LEU B 124 -12.37 -16.79 33.28
N THR B 125 -11.68 -17.91 33.16
CA THR B 125 -10.40 -17.91 32.46
C THR B 125 -10.58 -17.62 30.98
N PRO B 126 -9.47 -17.36 30.26
CA PRO B 126 -9.56 -17.09 28.82
C PRO B 126 -10.20 -18.24 28.05
N GLU B 127 -10.08 -19.46 28.58
CA GLU B 127 -10.68 -20.62 27.93
C GLU B 127 -12.15 -20.71 28.31
N GLN B 128 -12.45 -20.46 29.58
CA GLN B 128 -13.81 -20.54 30.08
C GLN B 128 -14.73 -19.51 29.46
N ILE B 129 -14.20 -18.32 29.16
CA ILE B 129 -15.03 -17.29 28.57
C ILE B 129 -15.58 -17.75 27.24
N ARG B 130 -14.78 -18.48 26.47
CA ARG B 130 -15.26 -18.99 25.19
C ARG B 130 -16.27 -20.12 25.41
N GLU B 131 -16.01 -20.99 26.38
CA GLU B 131 -16.92 -22.09 26.69
C GLU B 131 -18.26 -21.52 27.15
N TYR B 132 -18.24 -20.37 27.82
CA TYR B 132 -19.48 -19.76 28.25
C TYR B 132 -20.12 -18.86 27.19
N ARG B 133 -19.37 -18.54 26.14
CA ARG B 133 -19.89 -17.63 25.11
C ARG B 133 -21.05 -18.11 24.26
N GLY B 134 -21.11 -19.41 24.04
CA GLY B 134 -22.17 -19.96 23.21
C GLY B 134 -21.61 -20.11 21.81
N THR B 135 -22.48 -20.40 20.84
CA THR B 135 -22.04 -20.55 19.45
C THR B 135 -22.90 -19.70 18.54
N LEU B 136 -22.66 -19.82 17.24
CA LEU B 136 -23.42 -19.08 16.26
C LEU B 136 -24.88 -19.50 16.33
N THR B 137 -25.14 -20.73 16.78
CA THR B 137 -26.52 -21.21 16.85
C THR B 137 -27.02 -21.55 18.24
N GLN B 138 -26.20 -21.32 19.26
CA GLN B 138 -26.63 -21.59 20.63
C GLN B 138 -26.24 -20.42 21.52
N PRO B 139 -27.18 -19.93 22.33
CA PRO B 139 -26.92 -18.81 23.22
C PRO B 139 -25.85 -19.13 24.25
N GLY B 140 -25.15 -18.11 24.71
CA GLY B 140 -24.13 -18.32 25.72
C GLY B 140 -24.81 -18.32 27.08
N LYS B 141 -24.02 -18.36 28.14
CA LYS B 141 -24.58 -18.40 29.48
C LYS B 141 -23.85 -17.47 30.44
N ASN B 142 -24.59 -16.99 31.43
CA ASN B 142 -24.07 -16.07 32.43
C ASN B 142 -22.92 -16.61 33.27
N SER B 143 -21.84 -15.83 33.33
CA SER B 143 -20.69 -16.19 34.14
C SER B 143 -21.19 -16.24 35.57
N PRO B 144 -20.52 -17.03 36.44
CA PRO B 144 -20.93 -17.13 37.83
C PRO B 144 -20.58 -15.87 38.62
N TYR B 145 -19.74 -15.01 38.02
CA TYR B 145 -19.32 -13.77 38.66
C TYR B 145 -20.08 -12.55 38.14
N ARG B 146 -21.06 -12.79 37.26
CA ARG B 146 -21.82 -11.71 36.64
C ARG B 146 -22.61 -10.78 37.53
N ASP B 147 -22.99 -11.22 38.72
CA ASP B 147 -23.80 -10.37 39.58
C ASP B 147 -23.13 -9.76 40.79
N ARG B 148 -21.82 -9.59 40.74
CA ARG B 148 -21.14 -8.98 41.89
C ARG B 148 -21.71 -7.57 42.09
N SER B 149 -21.57 -7.06 43.30
CA SER B 149 -22.08 -5.73 43.61
C SER B 149 -21.23 -4.66 42.96
N VAL B 150 -21.78 -3.45 42.88
CA VAL B 150 -21.07 -2.31 42.31
C VAL B 150 -19.75 -2.15 43.07
N GLU B 151 -19.84 -2.20 44.40
CA GLU B 151 -18.68 -2.07 45.25
C GLU B 151 -17.60 -3.10 44.94
N GLU B 152 -17.99 -4.35 44.75
CA GLU B 152 -17.01 -5.39 44.46
C GLU B 152 -16.30 -5.15 43.14
N ASN B 153 -17.07 -4.87 42.09
CA ASN B 153 -16.51 -4.63 40.77
C ASN B 153 -15.53 -3.48 40.84
N LEU B 154 -15.94 -2.43 41.52
CA LEU B 154 -15.11 -1.25 41.67
C LEU B 154 -13.79 -1.64 42.33
N ALA B 155 -13.85 -2.39 43.43
CA ALA B 155 -12.63 -2.82 44.13
C ALA B 155 -11.77 -3.74 43.26
N LEU B 156 -12.41 -4.74 42.66
CA LEU B 156 -11.72 -5.69 41.79
C LEU B 156 -11.10 -5.04 40.56
N PHE B 157 -11.79 -4.03 40.02
CA PHE B 157 -11.28 -3.31 38.85
C PHE B 157 -10.03 -2.52 39.22
N GLU B 158 -10.03 -1.92 40.40
CA GLU B 158 -8.86 -1.17 40.88
C GLU B 158 -7.70 -2.13 41.09
N LYS B 159 -8.02 -3.36 41.51
CA LYS B 159 -7.00 -4.38 41.73
C LYS B 159 -6.35 -4.68 40.39
N MET B 160 -7.19 -4.84 39.36
CA MET B 160 -6.69 -5.10 38.02
C MET B 160 -5.80 -3.94 37.59
N ARG B 161 -6.29 -2.73 37.78
CA ARG B 161 -5.55 -1.54 37.39
C ARG B 161 -4.23 -1.44 38.16
N ALA B 162 -4.27 -1.77 39.45
CA ALA B 162 -3.10 -1.72 40.32
C ALA B 162 -2.07 -2.84 40.09
N GLY B 163 -2.43 -3.84 39.28
CA GLY B 163 -1.52 -4.93 38.99
C GLY B 163 -1.64 -6.13 39.91
N GLY B 164 -2.73 -6.19 40.68
CA GLY B 164 -2.92 -7.29 41.60
C GLY B 164 -3.39 -8.60 41.00
N PHE B 165 -3.58 -8.64 39.69
CA PHE B 165 -4.02 -9.85 39.00
C PHE B 165 -3.04 -10.21 37.90
N GLU B 166 -2.76 -11.50 37.77
CA GLU B 166 -1.87 -11.97 36.72
C GLU B 166 -2.68 -11.85 35.44
N GLU B 167 -2.02 -11.91 34.30
CA GLU B 167 -2.71 -11.80 33.02
C GLU B 167 -3.73 -12.91 32.81
N GLY B 168 -4.88 -12.54 32.26
CA GLY B 168 -5.92 -13.50 31.99
C GLY B 168 -6.65 -13.95 33.24
N LYS B 169 -6.18 -13.52 34.40
CA LYS B 169 -6.83 -13.90 35.64
C LYS B 169 -8.06 -13.09 35.93
N ALA B 170 -8.30 -12.07 35.11
CA ALA B 170 -9.47 -11.22 35.31
C ALA B 170 -9.56 -10.22 34.18
N CYS B 171 -10.78 -9.77 33.90
CA CYS B 171 -10.99 -8.79 32.84
C CYS B 171 -12.27 -8.05 33.18
N LEU B 172 -12.50 -6.90 32.56
CA LEU B 172 -13.73 -6.17 32.83
C LEU B 172 -14.62 -6.45 31.65
N ARG B 173 -15.86 -6.84 31.91
CA ARG B 173 -16.84 -7.16 30.87
C ARG B 173 -18.08 -6.28 30.96
N ALA B 174 -18.71 -6.03 29.83
CA ALA B 174 -19.94 -5.23 29.83
C ALA B 174 -21.06 -6.21 30.14
N LYS B 175 -22.09 -5.73 30.84
CA LYS B 175 -23.21 -6.59 31.18
C LYS B 175 -24.34 -6.37 30.18
N ILE B 176 -24.34 -7.16 29.11
CA ILE B 176 -25.37 -7.00 28.12
C ILE B 176 -26.32 -8.19 28.03
N ASP B 177 -26.14 -9.07 27.05
CA ASP B 177 -27.03 -10.20 26.88
C ASP B 177 -26.34 -11.47 26.40
N MET B 178 -26.10 -12.42 27.30
CA MET B 178 -25.43 -13.65 26.88
C MET B 178 -26.20 -14.46 25.83
N ALA B 179 -27.43 -14.07 25.51
CA ALA B 179 -28.20 -14.82 24.52
C ALA B 179 -28.54 -14.00 23.29
N SER B 180 -27.79 -12.94 23.04
CA SER B 180 -28.04 -12.11 21.88
C SER B 180 -27.57 -12.83 20.62
N PRO B 181 -28.32 -12.70 19.51
CA PRO B 181 -27.92 -13.35 18.26
C PRO B 181 -26.62 -12.70 17.75
N PHE B 182 -26.37 -11.48 18.20
CA PHE B 182 -25.14 -10.76 17.85
C PHE B 182 -24.10 -11.27 18.84
N ILE B 183 -23.13 -12.03 18.36
CA ILE B 183 -22.14 -12.54 19.28
C ILE B 183 -21.38 -11.44 20.00
N VAL B 184 -21.24 -10.29 19.34
CA VAL B 184 -20.50 -9.18 19.92
C VAL B 184 -21.18 -8.62 21.18
N MET B 185 -22.48 -8.86 21.33
CA MET B 185 -23.22 -8.37 22.48
C MET B 185 -23.23 -9.35 23.67
N ARG B 186 -22.53 -10.46 23.54
CA ARG B 186 -22.52 -11.44 24.63
C ARG B 186 -21.47 -11.06 25.66
N ASP B 187 -21.77 -10.01 26.41
CA ASP B 187 -20.89 -9.49 27.46
C ASP B 187 -19.47 -9.25 26.97
N PRO B 188 -19.29 -8.37 25.98
CA PRO B 188 -17.96 -8.08 25.46
C PRO B 188 -17.01 -7.57 26.53
N VAL B 189 -15.74 -7.93 26.38
CA VAL B 189 -14.70 -7.50 27.31
C VAL B 189 -14.35 -6.05 27.01
N LEU B 190 -14.32 -5.21 28.04
CA LEU B 190 -13.93 -3.83 27.84
C LEU B 190 -12.42 -3.67 28.15
N TYR B 191 -11.94 -4.41 29.15
CA TYR B 191 -10.54 -4.37 29.59
C TYR B 191 -9.88 -5.71 29.89
N ARG B 192 -8.62 -5.82 29.52
CA ARG B 192 -7.82 -7.02 29.77
C ARG B 192 -6.46 -6.57 30.35
N ILE B 193 -5.79 -7.48 31.05
CA ILE B 193 -4.52 -7.21 31.72
C ILE B 193 -3.31 -7.55 30.87
N LYS B 194 -2.37 -6.63 30.78
CA LYS B 194 -1.15 -6.84 30.01
C LYS B 194 0.01 -6.06 30.57
N PHE B 195 0.99 -6.77 31.12
CA PHE B 195 2.17 -6.12 31.67
C PHE B 195 3.12 -5.97 30.49
N ALA B 196 2.86 -4.94 29.70
CA ALA B 196 3.64 -4.67 28.51
C ALA B 196 3.78 -3.17 28.38
N GLU B 197 4.99 -2.71 28.09
CA GLU B 197 5.24 -1.29 27.94
C GLU B 197 4.57 -0.76 26.67
N HIS B 198 3.87 0.36 26.81
CA HIS B 198 3.19 0.98 25.68
C HIS B 198 4.08 2.05 25.05
N HIS B 199 4.15 2.07 23.72
CA HIS B 199 4.98 3.04 23.01
C HIS B 199 4.62 4.50 23.28
N GLN B 200 3.51 4.77 23.95
CA GLN B 200 3.11 6.13 24.25
C GLN B 200 2.97 6.41 25.74
N THR B 201 2.48 5.42 26.49
CA THR B 201 2.26 5.56 27.92
C THR B 201 3.27 4.82 28.79
N GLY B 202 4.27 4.24 28.15
CA GLY B 202 5.28 3.51 28.90
C GLY B 202 4.74 2.37 29.74
N ASN B 203 4.91 2.46 31.06
CA ASN B 203 4.42 1.42 31.95
C ASN B 203 3.45 1.95 32.99
N LYS B 204 2.68 2.97 32.62
CA LYS B 204 1.69 3.57 33.51
C LYS B 204 0.46 2.68 33.63
N TRP B 205 0.18 1.90 32.59
CA TRP B 205 -0.98 1.03 32.62
C TRP B 205 -0.60 -0.43 32.46
N CYS B 206 -1.34 -1.29 33.15
CA CYS B 206 -1.13 -2.72 33.02
C CYS B 206 -2.46 -3.28 32.53
N ILE B 207 -3.46 -2.40 32.37
CA ILE B 207 -4.74 -2.80 31.81
C ILE B 207 -4.99 -1.93 30.58
N TYR B 208 -5.46 -2.55 29.51
CA TYR B 208 -5.73 -1.83 28.28
C TYR B 208 -7.14 -2.03 27.77
N PRO B 209 -7.75 -0.95 27.24
CA PRO B 209 -9.12 -0.99 26.72
C PRO B 209 -9.22 -1.73 25.41
N MET B 210 -10.34 -2.44 25.21
CA MET B 210 -10.55 -3.19 23.98
C MET B 210 -11.01 -2.24 22.87
N TYR B 211 -10.89 -2.70 21.63
CA TYR B 211 -11.29 -1.91 20.46
C TYR B 211 -12.70 -1.34 20.52
N ASP B 212 -13.70 -2.20 20.66
CA ASP B 212 -15.08 -1.77 20.67
C ASP B 212 -15.41 -0.74 21.73
N PHE B 213 -14.71 -0.77 22.85
CA PHE B 213 -14.96 0.19 23.90
C PHE B 213 -14.25 1.50 23.57
N THR B 214 -13.04 1.36 23.07
CA THR B 214 -12.18 2.49 22.72
C THR B 214 -12.60 3.35 21.54
N HIS B 215 -12.88 2.70 20.42
CA HIS B 215 -13.22 3.40 19.19
C HIS B 215 -14.41 4.34 19.20
N CYS B 216 -15.55 3.90 19.74
CA CYS B 216 -16.71 4.77 19.74
C CYS B 216 -16.52 6.00 20.64
N ILE B 217 -15.87 5.80 21.78
CA ILE B 217 -15.62 6.90 22.71
C ILE B 217 -14.58 7.87 22.15
N SER B 218 -13.58 7.35 21.42
CA SER B 218 -12.56 8.21 20.81
C SER B 218 -13.25 9.09 19.77
N ASP B 219 -14.10 8.49 18.93
CA ASP B 219 -14.84 9.20 17.92
C ASP B 219 -15.70 10.30 18.52
N ALA B 220 -16.46 9.96 19.57
CA ALA B 220 -17.34 10.91 20.23
C ALA B 220 -16.59 12.09 20.80
N LEU B 221 -15.50 11.80 21.53
CA LEU B 221 -14.71 12.86 22.13
C LEU B 221 -14.09 13.77 21.09
N GLU B 222 -13.77 13.23 19.92
CA GLU B 222 -13.16 14.02 18.88
C GLU B 222 -14.16 14.81 18.03
N GLY B 223 -15.44 14.52 18.20
CA GLY B 223 -16.48 15.21 17.46
C GLY B 223 -16.68 14.66 16.05
N ILE B 224 -16.32 13.40 15.83
CA ILE B 224 -16.49 12.75 14.55
C ILE B 224 -17.99 12.70 14.22
N THR B 225 -18.36 13.01 12.97
CA THR B 225 -19.78 12.96 12.58
C THR B 225 -20.10 11.67 11.85
N HIS B 226 -19.18 11.22 11.00
CA HIS B 226 -19.36 9.98 10.24
C HIS B 226 -18.13 9.09 10.38
N SER B 227 -18.26 8.05 11.19
CA SER B 227 -17.17 7.11 11.43
C SER B 227 -17.22 6.07 10.31
N LEU B 228 -16.27 6.14 9.40
CA LEU B 228 -16.24 5.22 8.25
C LEU B 228 -15.28 4.04 8.36
N CYS B 229 -15.82 2.83 8.35
CA CYS B 229 -15.02 1.62 8.47
C CYS B 229 -15.44 0.57 7.43
N THR B 230 -14.76 -0.59 7.45
CA THR B 230 -15.08 -1.65 6.52
C THR B 230 -16.20 -2.54 7.03
N LEU B 231 -16.68 -3.41 6.16
CA LEU B 231 -17.79 -4.32 6.46
C LEU B 231 -17.72 -5.33 7.60
N GLU B 232 -16.53 -5.71 8.06
CA GLU B 232 -16.46 -6.71 9.14
C GLU B 232 -16.91 -6.15 10.47
N PHE B 233 -17.04 -4.82 10.56
CA PHE B 233 -17.47 -4.17 11.80
C PHE B 233 -18.97 -3.88 11.83
N GLN B 234 -19.71 -4.36 10.85
CA GLN B 234 -21.15 -4.11 10.83
C GLN B 234 -21.82 -4.60 12.11
N ASP B 235 -21.46 -5.82 12.53
CA ASP B 235 -22.02 -6.36 13.77
C ASP B 235 -21.57 -5.49 14.95
N ASN B 236 -20.32 -5.03 14.90
CA ASN B 236 -19.77 -4.20 15.96
C ASN B 236 -20.51 -2.88 16.18
N ARG B 237 -21.17 -2.39 15.14
CA ARG B 237 -21.92 -1.15 15.25
C ARG B 237 -22.92 -1.21 16.41
N ARG B 238 -23.46 -2.40 16.67
CA ARG B 238 -24.41 -2.56 17.76
C ARG B 238 -23.77 -2.31 19.11
N LEU B 239 -22.51 -2.68 19.28
CA LEU B 239 -21.83 -2.49 20.55
C LEU B 239 -21.33 -1.04 20.60
N TYR B 240 -21.00 -0.52 19.43
CA TYR B 240 -20.55 0.87 19.28
C TYR B 240 -21.67 1.77 19.81
N ASP B 241 -22.90 1.53 19.35
CA ASP B 241 -24.04 2.31 19.77
C ASP B 241 -24.45 2.07 21.23
N TRP B 242 -24.27 0.82 21.70
CA TRP B 242 -24.61 0.48 23.08
C TRP B 242 -23.73 1.27 24.07
N VAL B 243 -22.43 1.30 23.80
CA VAL B 243 -21.51 2.02 24.66
C VAL B 243 -21.89 3.49 24.79
N LEU B 244 -22.04 4.16 23.66
CA LEU B 244 -22.39 5.57 23.67
C LEU B 244 -23.76 5.82 24.29
N ASP B 245 -24.71 4.92 24.04
CA ASP B 245 -26.05 5.10 24.59
C ASP B 245 -26.05 4.94 26.11
N ASN B 246 -25.02 4.31 26.65
CA ASN B 246 -24.99 4.07 28.07
C ASN B 246 -24.03 4.83 28.96
N ILE B 247 -23.27 5.76 28.38
CA ILE B 247 -22.34 6.56 29.17
C ILE B 247 -22.80 8.00 29.00
N THR B 248 -22.24 8.92 29.78
CA THR B 248 -22.60 10.32 29.68
C THR B 248 -21.63 11.02 28.75
N ILE B 249 -22.03 11.12 27.49
CA ILE B 249 -21.24 11.75 26.44
C ILE B 249 -22.30 12.46 25.58
N PRO B 250 -22.03 13.72 25.19
CA PRO B 250 -22.93 14.56 24.40
C PRO B 250 -23.20 14.36 22.89
N VAL B 251 -22.39 13.60 22.20
CA VAL B 251 -22.65 13.42 20.78
C VAL B 251 -22.66 11.94 20.52
N HIS B 252 -23.20 11.53 19.37
CA HIS B 252 -23.26 10.13 19.03
C HIS B 252 -22.93 9.95 17.55
N PRO B 253 -21.64 9.77 17.22
CA PRO B 253 -21.18 9.58 15.84
C PRO B 253 -21.83 8.32 15.28
N ARG B 254 -22.21 8.36 14.01
CA ARG B 254 -22.84 7.21 13.39
C ARG B 254 -21.86 6.53 12.47
N GLN B 255 -21.81 5.19 12.54
CA GLN B 255 -20.90 4.40 11.73
C GLN B 255 -21.57 3.95 10.45
N TYR B 256 -20.80 3.93 9.36
CA TYR B 256 -21.26 3.50 8.05
C TYR B 256 -20.11 2.70 7.48
N GLU B 257 -20.40 1.48 7.03
CA GLU B 257 -19.39 0.57 6.51
C GLU B 257 -19.36 0.42 5.00
N PHE B 258 -18.15 0.28 4.45
CA PHE B 258 -18.00 0.07 3.02
C PHE B 258 -17.11 -1.15 2.83
N SER B 259 -17.15 -1.76 1.64
CA SER B 259 -16.35 -2.95 1.37
C SER B 259 -14.87 -2.64 1.23
N ARG B 260 -14.03 -3.53 1.77
CA ARG B 260 -12.60 -3.33 1.71
C ARG B 260 -12.08 -3.70 0.34
N LEU B 261 -10.90 -3.17 0.04
CA LEU B 261 -10.24 -3.41 -1.22
C LEU B 261 -9.47 -4.73 -1.22
N ASN B 262 -9.52 -5.41 -2.36
CA ASN B 262 -8.78 -6.65 -2.57
C ASN B 262 -8.17 -6.49 -3.94
N LEU B 263 -6.92 -6.90 -4.08
CA LEU B 263 -6.19 -6.78 -5.35
C LEU B 263 -5.74 -8.17 -5.75
N GLU B 264 -5.95 -8.54 -7.01
CA GLU B 264 -5.53 -9.86 -7.48
C GLU B 264 -4.03 -10.00 -7.41
N TYR B 265 -3.57 -11.24 -7.25
CA TYR B 265 -2.14 -11.54 -7.18
C TYR B 265 -1.42 -10.92 -6.00
N THR B 266 -2.16 -10.58 -4.97
CA THR B 266 -1.51 -10.03 -3.79
C THR B 266 -2.35 -10.27 -2.55
N VAL B 267 -1.77 -9.96 -1.40
CA VAL B 267 -2.44 -10.13 -0.13
C VAL B 267 -2.52 -8.74 0.47
N MET B 268 -3.63 -8.44 1.15
CA MET B 268 -3.83 -7.12 1.73
C MET B 268 -3.97 -7.22 3.24
N SER B 269 -3.48 -8.31 3.81
CA SER B 269 -3.54 -8.55 5.25
C SER B 269 -2.22 -8.21 5.93
N LYS B 270 -2.29 -7.43 7.00
CA LYS B 270 -1.06 -7.05 7.71
C LYS B 270 -0.34 -8.23 8.32
N ARG B 271 -1.10 -9.25 8.74
CA ARG B 271 -0.48 -10.43 9.32
C ARG B 271 0.32 -11.16 8.24
N LYS B 272 -0.22 -11.22 7.03
CA LYS B 272 0.47 -11.89 5.92
C LYS B 272 1.60 -11.04 5.36
N LEU B 273 1.40 -9.73 5.31
CA LEU B 273 2.42 -8.82 4.81
C LEU B 273 3.57 -8.86 5.80
N ASN B 274 3.23 -8.99 7.08
CA ASN B 274 4.23 -9.05 8.11
C ASN B 274 5.03 -10.33 7.94
N LEU B 275 4.34 -11.44 7.68
CA LEU B 275 5.04 -12.70 7.50
C LEU B 275 6.06 -12.65 6.37
N LEU B 276 5.72 -11.97 5.28
CA LEU B 276 6.64 -11.86 4.16
C LEU B 276 7.89 -11.10 4.60
N VAL B 277 7.72 -10.12 5.47
CA VAL B 277 8.82 -9.31 5.96
C VAL B 277 9.65 -10.06 7.00
N THR B 278 8.99 -10.68 7.96
CA THR B 278 9.66 -11.43 9.02
C THR B 278 10.44 -12.64 8.51
N ASP B 279 9.90 -13.36 7.55
CA ASP B 279 10.59 -14.53 7.00
C ASP B 279 11.53 -14.15 5.87
N LYS B 280 11.66 -12.86 5.61
CA LYS B 280 12.56 -12.34 4.57
C LYS B 280 12.34 -12.81 3.14
N HIS B 281 11.09 -12.90 2.69
CA HIS B 281 10.83 -13.30 1.31
C HIS B 281 10.75 -12.06 0.41
N VAL B 282 10.73 -10.88 1.03
CA VAL B 282 10.74 -9.58 0.35
C VAL B 282 11.77 -8.83 1.17
N GLU B 283 12.33 -7.75 0.62
CA GLU B 283 13.33 -7.00 1.35
C GLU B 283 12.83 -6.37 2.65
N GLY B 284 11.64 -5.81 2.60
CA GLY B 284 11.07 -5.20 3.78
C GLY B 284 9.68 -4.70 3.44
N TRP B 285 9.06 -3.96 4.35
CA TRP B 285 7.73 -3.44 4.09
C TRP B 285 7.67 -2.62 2.81
N ASP B 286 8.74 -1.89 2.51
CA ASP B 286 8.77 -1.06 1.33
C ASP B 286 9.37 -1.72 0.11
N ASP B 287 9.36 -3.06 0.07
CA ASP B 287 9.87 -3.77 -1.08
C ASP B 287 8.95 -3.37 -2.24
N PRO B 288 9.52 -3.08 -3.42
CA PRO B 288 8.74 -2.68 -4.60
C PRO B 288 7.65 -3.63 -5.08
N ARG B 289 7.74 -4.88 -4.65
CA ARG B 289 6.76 -5.89 -5.02
C ARG B 289 5.60 -5.88 -4.03
N MET B 290 5.81 -5.23 -2.89
CA MET B 290 4.79 -5.16 -1.84
C MET B 290 3.68 -4.16 -2.17
N PRO B 291 2.44 -4.46 -1.74
CA PRO B 291 1.27 -3.61 -1.98
C PRO B 291 1.16 -2.51 -0.93
N THR B 292 2.25 -2.23 -0.24
CA THR B 292 2.24 -1.20 0.77
C THR B 292 2.39 0.15 0.09
N ILE B 293 1.93 1.21 0.74
CA ILE B 293 2.05 2.53 0.14
C ILE B 293 3.53 2.82 -0.13
N SER B 294 4.37 2.53 0.86
CA SER B 294 5.80 2.79 0.72
C SER B 294 6.42 1.91 -0.37
N GLY B 295 5.94 0.67 -0.49
CA GLY B 295 6.45 -0.22 -1.52
C GLY B 295 6.09 0.29 -2.91
N LEU B 296 4.86 0.78 -3.07
CA LEU B 296 4.43 1.32 -4.36
C LEU B 296 5.26 2.57 -4.67
N ARG B 297 5.47 3.41 -3.67
CA ARG B 297 6.26 4.64 -3.86
C ARG B 297 7.67 4.28 -4.36
N ARG B 298 8.28 3.29 -3.74
CA ARG B 298 9.62 2.86 -4.12
C ARG B 298 9.56 2.19 -5.49
N ARG B 299 8.42 1.59 -5.80
CA ARG B 299 8.20 0.92 -7.07
C ARG B 299 8.12 1.98 -8.17
N GLY B 300 7.79 3.21 -7.79
CA GLY B 300 7.70 4.27 -8.77
C GLY B 300 6.30 4.83 -9.05
N TYR B 301 5.28 4.41 -8.29
CA TYR B 301 3.94 4.95 -8.50
C TYR B 301 3.91 6.36 -7.94
N THR B 302 3.01 7.19 -8.47
CA THR B 302 2.84 8.56 -8.01
C THR B 302 1.62 8.63 -7.08
N ALA B 303 1.69 9.46 -6.04
CA ALA B 303 0.56 9.60 -5.12
C ALA B 303 -0.69 9.90 -5.93
N ALA B 304 -0.53 10.73 -6.94
CA ALA B 304 -1.63 11.12 -7.81
C ALA B 304 -2.26 9.92 -8.52
N SER B 305 -1.45 8.93 -8.87
CA SER B 305 -1.98 7.76 -9.57
C SER B 305 -2.74 6.87 -8.60
N ILE B 306 -2.34 6.89 -7.33
CA ILE B 306 -3.02 6.09 -6.33
C ILE B 306 -4.35 6.75 -6.00
N ARG B 307 -4.38 8.09 -5.98
CA ARG B 307 -5.63 8.79 -5.70
C ARG B 307 -6.60 8.57 -6.84
N GLU B 308 -6.09 8.52 -8.07
CA GLU B 308 -6.92 8.29 -9.24
C GLU B 308 -7.53 6.89 -9.16
N PHE B 309 -6.70 5.93 -8.76
CA PHE B 309 -7.14 4.54 -8.65
C PHE B 309 -8.27 4.43 -7.64
N CYS B 310 -8.08 5.02 -6.47
CA CYS B 310 -9.11 4.96 -5.44
C CYS B 310 -10.39 5.62 -5.92
N LYS B 311 -10.24 6.63 -6.76
CA LYS B 311 -11.38 7.34 -7.32
C LYS B 311 -12.12 6.41 -8.29
N ARG B 312 -11.38 5.65 -9.09
CA ARG B 312 -11.99 4.76 -10.07
C ARG B 312 -12.69 3.53 -9.51
N ILE B 313 -12.10 2.88 -8.49
CA ILE B 313 -12.70 1.68 -7.95
C ILE B 313 -14.00 1.87 -7.19
N GLY B 314 -14.28 3.10 -6.79
CA GLY B 314 -15.51 3.39 -6.08
C GLY B 314 -15.56 3.00 -4.61
N VAL B 315 -16.69 3.33 -3.98
CA VAL B 315 -16.93 3.04 -2.58
C VAL B 315 -18.33 2.47 -2.50
N THR B 316 -18.42 1.19 -2.18
CA THR B 316 -19.70 0.50 -2.12
C THR B 316 -19.73 -0.50 -0.97
N LYS B 317 -20.73 -1.37 -0.97
CA LYS B 317 -20.85 -2.39 0.07
C LYS B 317 -20.65 -3.78 -0.54
N GLN B 318 -20.23 -3.81 -1.79
CA GLN B 318 -20.03 -5.09 -2.46
C GLN B 318 -18.60 -5.62 -2.36
N ASP B 319 -18.47 -6.90 -2.06
CA ASP B 319 -17.16 -7.51 -1.97
C ASP B 319 -16.55 -7.46 -3.36
N ASN B 320 -15.32 -7.00 -3.46
CA ASN B 320 -14.70 -6.91 -4.77
C ASN B 320 -13.23 -7.24 -4.74
N THR B 321 -12.71 -7.61 -5.90
CA THR B 321 -11.31 -7.90 -6.08
C THR B 321 -10.93 -7.20 -7.38
N ILE B 322 -10.28 -6.05 -7.27
CA ILE B 322 -9.87 -5.32 -8.44
C ILE B 322 -8.74 -6.05 -9.15
N GLU B 323 -8.66 -5.87 -10.47
CA GLU B 323 -7.62 -6.49 -11.27
C GLU B 323 -6.36 -5.62 -11.25
N MET B 324 -5.20 -6.24 -11.45
CA MET B 324 -3.95 -5.49 -11.47
C MET B 324 -3.91 -4.50 -12.64
N ALA B 325 -4.57 -4.86 -13.74
CA ALA B 325 -4.60 -4.00 -14.91
C ALA B 325 -5.12 -2.60 -14.60
N SER B 326 -6.14 -2.55 -13.75
CA SER B 326 -6.77 -1.30 -13.34
C SER B 326 -5.78 -0.35 -12.64
N LEU B 327 -4.95 -0.91 -11.76
CA LEU B 327 -3.96 -0.14 -11.04
C LEU B 327 -2.88 0.35 -12.01
N GLU B 328 -2.44 -0.55 -12.89
CA GLU B 328 -1.40 -0.24 -13.84
C GLU B 328 -1.85 0.81 -14.87
N SER B 329 -3.13 0.82 -15.18
CA SER B 329 -3.65 1.79 -16.11
C SER B 329 -3.47 3.18 -15.50
N CYS B 330 -3.80 3.29 -14.22
CA CYS B 330 -3.68 4.57 -13.54
C CYS B 330 -2.25 5.08 -13.55
N ILE B 331 -1.27 4.21 -13.33
CA ILE B 331 0.11 4.69 -13.32
C ILE B 331 0.61 4.97 -14.73
N ARG B 332 0.12 4.24 -15.72
CA ARG B 332 0.54 4.49 -17.09
C ARG B 332 0.02 5.85 -17.56
N GLU B 333 -1.21 6.16 -17.22
CA GLU B 333 -1.81 7.43 -17.62
C GLU B 333 -0.99 8.61 -17.10
N ASP B 334 -0.58 8.55 -15.84
CA ASP B 334 0.21 9.62 -15.25
C ASP B 334 1.57 9.72 -15.94
N LEU B 335 2.31 8.61 -15.93
CA LEU B 335 3.63 8.58 -16.53
C LEU B 335 3.67 8.81 -18.03
N ASN B 336 2.69 8.28 -18.76
CA ASN B 336 2.64 8.47 -20.21
C ASN B 336 2.65 9.96 -20.57
N GLU B 337 2.05 10.76 -19.70
CA GLU B 337 1.94 12.20 -19.89
C GLU B 337 3.12 13.03 -19.37
N ASN B 338 3.65 12.66 -18.21
CA ASN B 338 4.70 13.46 -17.61
C ASN B 338 6.11 12.91 -17.60
N ALA B 339 6.26 11.60 -17.70
CA ALA B 339 7.60 11.03 -17.66
C ALA B 339 8.41 11.29 -18.92
N PRO B 340 9.59 11.89 -18.77
CA PRO B 340 10.45 12.17 -19.93
C PRO B 340 11.01 10.85 -20.42
N ARG B 341 11.40 10.81 -21.70
CA ARG B 341 11.94 9.58 -22.29
C ARG B 341 13.45 9.47 -22.30
N ALA B 342 13.93 8.23 -22.43
CA ALA B 342 15.36 7.96 -22.45
C ALA B 342 15.60 6.60 -23.07
N MET B 343 16.84 6.36 -23.47
CA MET B 343 17.23 5.10 -24.08
C MET B 343 17.93 4.22 -23.05
N ALA B 344 17.54 2.95 -23.03
CA ALA B 344 18.17 2.00 -22.12
C ALA B 344 18.05 0.62 -22.75
N VAL B 345 19.10 -0.17 -22.62
CA VAL B 345 19.08 -1.51 -23.18
C VAL B 345 19.19 -2.48 -22.02
N ILE B 346 18.12 -3.23 -21.79
CA ILE B 346 18.06 -4.18 -20.69
C ILE B 346 18.80 -5.47 -21.02
N ASP B 347 18.62 -5.96 -22.25
CA ASP B 347 19.28 -7.20 -22.67
C ASP B 347 20.21 -6.85 -23.84
N PRO B 348 21.41 -6.33 -23.53
CA PRO B 348 22.41 -5.92 -24.50
C PRO B 348 23.22 -6.93 -25.29
N VAL B 349 23.42 -6.61 -26.56
CA VAL B 349 24.23 -7.39 -27.48
C VAL B 349 24.93 -6.35 -28.35
N LYS B 350 26.22 -6.52 -28.57
CA LYS B 350 26.94 -5.53 -29.37
C LYS B 350 26.60 -5.53 -30.85
N LEU B 351 26.52 -4.33 -31.42
CA LEU B 351 26.25 -4.15 -32.84
C LEU B 351 27.21 -3.08 -33.34
N VAL B 352 28.07 -3.47 -34.28
CA VAL B 352 29.06 -2.54 -34.85
C VAL B 352 28.69 -2.09 -36.26
N ILE B 353 28.84 -0.79 -36.51
CA ILE B 353 28.56 -0.24 -37.83
C ILE B 353 29.91 -0.06 -38.53
N GLU B 354 30.38 -1.10 -39.20
CA GLU B 354 31.66 -1.07 -39.89
C GLU B 354 31.68 0.09 -40.89
N ASN B 355 30.50 0.57 -41.24
CA ASN B 355 30.33 1.67 -42.18
C ASN B 355 30.61 3.04 -41.52
N TYR B 356 30.49 3.11 -40.19
CA TYR B 356 30.70 4.37 -39.48
C TYR B 356 32.16 4.78 -39.37
N GLN B 357 32.41 6.07 -39.50
CA GLN B 357 33.76 6.61 -39.43
C GLN B 357 33.89 7.68 -38.36
N GLY B 358 34.88 7.52 -37.47
CA GLY B 358 35.08 8.49 -36.42
C GLY B 358 34.85 7.96 -35.01
N GLU B 359 34.92 8.85 -34.03
CA GLU B 359 34.72 8.46 -32.64
C GLU B 359 33.28 8.68 -32.21
N GLY B 360 32.46 9.16 -33.14
CA GLY B 360 31.07 9.39 -32.82
C GLY B 360 30.60 10.79 -33.15
N GLU B 361 29.33 11.04 -32.82
CA GLU B 361 28.71 12.33 -33.06
C GLU B 361 27.58 12.49 -32.05
N MET B 362 26.77 13.52 -32.22
CA MET B 362 25.66 13.75 -31.31
C MET B 362 24.36 13.81 -32.09
N VAL B 363 23.32 13.17 -31.58
CA VAL B 363 22.02 13.19 -32.23
C VAL B 363 21.01 13.76 -31.26
N THR B 364 20.05 14.52 -31.79
CA THR B 364 19.02 15.13 -30.96
C THR B 364 17.83 14.21 -30.77
N MET B 365 17.40 14.08 -29.52
CA MET B 365 16.26 13.23 -29.19
C MET B 365 15.25 14.05 -28.39
N PRO B 366 13.94 13.88 -28.67
CA PRO B 366 12.92 14.63 -27.93
C PRO B 366 12.80 14.10 -26.51
N ASN B 367 12.62 15.00 -25.54
CA ASN B 367 12.45 14.58 -24.16
C ASN B 367 11.10 13.90 -24.02
N HIS B 368 10.20 14.26 -24.93
CA HIS B 368 8.88 13.65 -25.00
C HIS B 368 8.32 13.90 -26.38
N PRO B 369 8.12 12.84 -27.16
CA PRO B 369 7.58 12.97 -28.52
C PRO B 369 6.35 13.88 -28.56
N ASN B 370 5.19 13.33 -28.25
CA ASN B 370 3.95 14.08 -28.28
C ASN B 370 3.95 15.41 -27.51
N LYS B 371 5.07 15.79 -26.92
CA LYS B 371 5.11 17.03 -26.16
C LYS B 371 6.42 17.80 -26.28
N PRO B 372 6.58 18.55 -27.38
CA PRO B 372 7.80 19.35 -27.62
C PRO B 372 8.10 20.38 -26.54
N GLU B 373 7.09 20.80 -25.80
CA GLU B 373 7.29 21.79 -24.75
C GLU B 373 8.22 21.27 -23.66
N MET B 374 8.41 19.95 -23.62
CA MET B 374 9.28 19.35 -22.61
C MET B 374 10.73 19.38 -23.08
N GLY B 375 10.99 20.10 -24.17
CA GLY B 375 12.34 20.21 -24.69
C GLY B 375 12.97 18.96 -25.24
N SER B 376 14.25 19.08 -25.60
CA SER B 376 15.02 17.96 -26.15
C SER B 376 16.40 17.90 -25.51
N ARG B 377 17.18 16.90 -25.92
CA ARG B 377 18.52 16.71 -25.39
C ARG B 377 19.46 16.18 -26.47
N GLN B 378 20.75 16.34 -26.25
CA GLN B 378 21.77 15.88 -27.19
C GLN B 378 22.30 14.54 -26.69
N VAL B 379 22.12 13.49 -27.50
CA VAL B 379 22.56 12.14 -27.14
C VAL B 379 23.64 11.64 -28.10
N PRO B 380 24.70 10.99 -27.56
CA PRO B 380 25.81 10.46 -28.36
C PRO B 380 25.55 9.19 -29.17
N PHE B 381 25.94 9.23 -30.44
CA PHE B 381 25.79 8.10 -31.35
C PHE B 381 27.19 7.70 -31.81
N SER B 382 27.38 6.42 -32.15
CA SER B 382 28.69 5.95 -32.61
C SER B 382 28.62 4.68 -33.44
N GLY B 383 29.79 4.12 -33.74
CA GLY B 383 29.86 2.91 -34.53
C GLY B 383 29.73 1.63 -33.75
N GLU B 384 29.87 1.72 -32.42
CA GLU B 384 29.71 0.56 -31.56
C GLU B 384 28.61 0.91 -30.58
N ILE B 385 27.46 0.26 -30.74
CA ILE B 385 26.32 0.53 -29.89
C ILE B 385 25.78 -0.75 -29.29
N TRP B 386 24.82 -0.60 -28.38
CA TRP B 386 24.17 -1.74 -27.76
C TRP B 386 22.70 -1.71 -28.19
N ILE B 387 22.13 -2.89 -28.42
CA ILE B 387 20.71 -2.99 -28.75
C ILE B 387 20.24 -4.19 -27.96
N ASP B 388 18.91 -4.33 -27.82
CA ASP B 388 18.37 -5.45 -27.09
C ASP B 388 18.35 -6.67 -28.01
N ARG B 389 18.87 -7.79 -27.51
CA ARG B 389 18.91 -9.03 -28.27
C ARG B 389 17.57 -9.34 -28.91
N ALA B 390 16.51 -9.12 -28.15
CA ALA B 390 15.17 -9.40 -28.64
C ALA B 390 14.79 -8.59 -29.88
N ASP B 391 15.62 -7.61 -30.25
CA ASP B 391 15.30 -6.79 -31.41
C ASP B 391 15.99 -7.23 -32.69
N PHE B 392 16.80 -8.27 -32.61
CA PHE B 392 17.50 -8.79 -33.78
C PHE B 392 17.10 -10.24 -34.06
N ARG B 393 16.77 -10.51 -35.32
CA ARG B 393 16.37 -11.85 -35.74
C ARG B 393 17.05 -12.18 -37.07
N GLU B 394 17.64 -13.37 -37.17
CA GLU B 394 18.29 -13.78 -38.41
C GLU B 394 17.22 -14.09 -39.45
N GLU B 395 16.05 -14.50 -38.99
CA GLU B 395 14.94 -14.86 -39.85
C GLU B 395 13.60 -14.22 -39.44
N ALA B 396 12.88 -14.90 -38.56
CA ALA B 396 11.58 -14.41 -38.08
C ALA B 396 10.59 -14.23 -39.23
N ASN B 397 9.30 -14.26 -38.90
CA ASN B 397 8.23 -14.13 -39.89
C ASN B 397 8.14 -12.75 -40.54
N LYS B 398 6.93 -12.42 -41.01
CA LYS B 398 6.69 -11.14 -41.69
C LYS B 398 6.25 -10.06 -40.70
N GLN B 399 5.62 -10.48 -39.60
CA GLN B 399 5.16 -9.56 -38.58
C GLN B 399 6.33 -8.81 -37.96
N TYR B 400 7.33 -9.56 -37.54
CA TYR B 400 8.53 -9.01 -36.92
C TYR B 400 8.95 -7.73 -37.64
N LYS B 401 8.77 -6.59 -36.97
CA LYS B 401 9.12 -5.30 -37.57
C LYS B 401 10.53 -4.82 -37.22
N ARG B 402 11.30 -5.66 -36.53
CA ARG B 402 12.65 -5.28 -36.12
C ARG B 402 13.81 -5.75 -37.01
N LEU B 403 15.04 -5.54 -36.55
CA LEU B 403 16.24 -5.88 -37.31
C LEU B 403 16.40 -7.36 -37.65
N VAL B 404 16.37 -7.65 -38.94
CA VAL B 404 16.51 -9.00 -39.46
C VAL B 404 17.72 -9.14 -40.38
N LEU B 405 18.53 -10.16 -40.12
CA LEU B 405 19.74 -10.42 -40.91
C LEU B 405 19.49 -10.32 -42.40
N GLY B 406 19.81 -9.17 -42.98
CA GLY B 406 19.59 -8.96 -44.41
C GLY B 406 18.61 -7.84 -44.65
N LYS B 407 17.93 -7.44 -43.59
CA LYS B 407 16.93 -6.37 -43.65
C LYS B 407 17.45 -5.20 -42.81
N GLU B 408 16.77 -4.06 -42.88
CA GLU B 408 17.18 -2.90 -42.11
C GLU B 408 16.10 -2.34 -41.19
N VAL B 409 16.53 -1.58 -40.18
CA VAL B 409 15.62 -0.96 -39.23
C VAL B 409 16.13 0.41 -38.84
N ARG B 410 15.23 1.27 -38.39
CA ARG B 410 15.59 2.63 -37.98
C ARG B 410 16.05 2.65 -36.54
N LEU B 411 17.23 3.22 -36.28
CA LEU B 411 17.73 3.34 -34.93
C LEU B 411 17.03 4.58 -34.41
N ARG B 412 16.32 4.43 -33.30
CA ARG B 412 15.55 5.52 -32.70
C ARG B 412 16.24 6.87 -32.74
N ASN B 413 15.54 7.84 -33.32
CA ASN B 413 16.04 9.22 -33.45
C ASN B 413 17.37 9.30 -34.16
N ALA B 414 17.75 8.22 -34.84
CA ALA B 414 19.02 8.17 -35.54
C ALA B 414 18.94 7.71 -37.00
N TYR B 415 19.95 6.95 -37.40
CA TYR B 415 20.09 6.44 -38.76
C TYR B 415 19.48 5.06 -38.99
N VAL B 416 19.34 4.70 -40.27
CA VAL B 416 18.83 3.40 -40.68
C VAL B 416 20.05 2.49 -40.79
N ILE B 417 19.91 1.25 -40.35
CA ILE B 417 21.03 0.33 -40.43
C ILE B 417 20.57 -0.99 -41.02
N LYS B 418 21.49 -1.70 -41.66
CA LYS B 418 21.19 -2.98 -42.28
C LYS B 418 22.10 -4.04 -41.69
N ALA B 419 21.52 -5.08 -41.10
CA ALA B 419 22.31 -6.16 -40.52
C ALA B 419 22.76 -7.00 -41.70
N GLU B 420 24.01 -7.46 -41.68
CA GLU B 420 24.50 -8.26 -42.79
C GLU B 420 25.39 -9.42 -42.40
N ARG B 421 25.99 -9.36 -41.23
CA ARG B 421 26.85 -10.46 -40.79
C ARG B 421 26.82 -10.57 -39.27
N VAL B 422 26.27 -11.67 -38.77
CA VAL B 422 26.21 -11.88 -37.33
C VAL B 422 27.43 -12.70 -36.93
N GLU B 423 27.59 -12.93 -35.63
CA GLU B 423 28.73 -13.69 -35.14
C GLU B 423 28.36 -14.35 -33.84
N LYS B 424 28.64 -15.65 -33.72
CA LYS B 424 28.31 -16.38 -32.51
C LYS B 424 29.54 -16.84 -31.75
N ASP B 425 29.33 -17.50 -30.62
CA ASP B 425 30.42 -17.99 -29.78
C ASP B 425 30.34 -19.50 -29.61
N ALA B 426 30.95 -19.99 -28.55
CA ALA B 426 30.96 -21.42 -28.23
C ALA B 426 29.57 -22.03 -28.40
N GLU B 427 28.70 -21.78 -27.44
CA GLU B 427 27.34 -22.33 -27.47
C GLU B 427 26.50 -21.78 -28.63
N GLY B 428 27.14 -21.10 -29.57
CA GLY B 428 26.42 -20.57 -30.71
C GLY B 428 25.56 -19.35 -30.39
N ASN B 429 25.94 -18.63 -29.34
CA ASN B 429 25.23 -17.43 -28.93
C ASN B 429 25.83 -16.21 -29.62
N ILE B 430 24.98 -15.40 -30.25
CA ILE B 430 25.45 -14.21 -30.94
C ILE B 430 26.26 -13.34 -29.99
N THR B 431 27.39 -12.81 -30.47
CA THR B 431 28.21 -11.93 -29.63
C THR B 431 28.37 -10.56 -30.26
N THR B 432 28.09 -10.44 -31.55
CA THR B 432 28.23 -9.15 -32.20
C THR B 432 27.59 -9.09 -33.58
N ILE B 433 26.66 -8.15 -33.74
CA ILE B 433 25.96 -7.98 -35.01
C ILE B 433 26.64 -6.89 -35.83
N PHE B 434 27.06 -7.23 -37.04
CA PHE B 434 27.71 -6.28 -37.93
C PHE B 434 26.71 -5.71 -38.90
N CYS B 435 26.66 -4.39 -38.97
CA CYS B 435 25.72 -3.71 -39.85
C CYS B 435 26.37 -2.51 -40.51
N THR B 436 25.64 -1.86 -41.42
CA THR B 436 26.12 -0.67 -42.11
C THR B 436 25.03 0.37 -41.97
N TYR B 437 25.39 1.65 -42.05
CA TYR B 437 24.39 2.70 -41.90
C TYR B 437 24.34 3.64 -43.11
N ASP B 438 23.25 4.39 -43.22
CA ASP B 438 23.09 5.32 -44.33
C ASP B 438 23.60 6.69 -43.93
N ALA B 439 24.45 7.28 -44.77
CA ALA B 439 25.03 8.59 -44.51
C ALA B 439 23.96 9.57 -44.04
N ASP B 440 22.90 9.74 -44.84
CA ASP B 440 21.81 10.63 -44.48
C ASP B 440 20.50 9.89 -44.42
N THR B 441 20.08 9.56 -43.20
CA THR B 441 18.82 8.85 -42.97
C THR B 441 18.18 9.37 -41.69
N LEU B 442 17.92 10.67 -41.65
CA LEU B 442 17.32 11.31 -40.49
C LEU B 442 16.91 12.74 -40.81
N GLY B 454 10.50 -1.34 -39.03
CA GLY B 454 10.22 -0.73 -37.70
C GLY B 454 11.34 0.10 -37.11
N VAL B 455 11.32 0.23 -35.77
CA VAL B 455 12.32 1.01 -35.04
C VAL B 455 12.76 0.32 -33.75
N ILE B 456 13.96 0.65 -33.29
CA ILE B 456 14.47 0.09 -32.04
C ILE B 456 15.36 1.09 -31.30
N HIS B 457 15.34 1.00 -29.98
CA HIS B 457 16.15 1.87 -29.16
C HIS B 457 17.55 1.31 -29.12
N TRP B 458 18.51 2.14 -28.71
CA TRP B 458 19.90 1.73 -28.66
C TRP B 458 20.69 2.66 -27.75
N VAL B 459 21.92 2.26 -27.44
CA VAL B 459 22.82 3.06 -26.60
C VAL B 459 24.26 2.92 -27.09
N SER B 460 24.95 4.05 -27.29
CA SER B 460 26.34 4.04 -27.74
C SER B 460 27.20 3.39 -26.67
N ALA B 461 27.87 2.31 -27.02
CA ALA B 461 28.70 1.57 -26.07
C ALA B 461 29.78 2.39 -25.38
N ALA B 462 30.42 3.31 -26.11
CA ALA B 462 31.48 4.11 -25.53
C ALA B 462 30.97 5.12 -24.50
N HIS B 463 29.71 5.53 -24.63
CA HIS B 463 29.14 6.50 -23.70
C HIS B 463 28.11 5.88 -22.79
N ALA B 464 28.00 4.57 -22.83
CA ALA B 464 27.03 3.85 -22.02
C ALA B 464 27.28 3.93 -20.52
N LEU B 465 26.19 4.03 -19.77
CA LEU B 465 26.24 4.06 -18.33
C LEU B 465 25.80 2.68 -17.87
N PRO B 466 26.70 1.94 -17.20
CA PRO B 466 26.36 0.60 -16.71
C PRO B 466 25.26 0.72 -15.68
N VAL B 467 24.15 0.04 -15.94
CA VAL B 467 22.97 0.11 -15.08
C VAL B 467 22.42 -1.25 -14.64
N GLU B 468 21.95 -1.32 -13.40
CA GLU B 468 21.33 -2.55 -12.92
C GLU B 468 19.85 -2.32 -13.06
N ILE B 469 19.16 -3.20 -13.77
CA ILE B 469 17.73 -3.02 -13.96
C ILE B 469 16.96 -4.12 -13.26
N ARG B 470 16.00 -3.69 -12.43
CA ARG B 470 15.19 -4.63 -11.68
C ARG B 470 13.80 -4.73 -12.27
N LEU B 471 13.53 -5.83 -12.96
CA LEU B 471 12.23 -6.06 -13.56
C LEU B 471 11.37 -6.75 -12.51
N TYR B 472 10.26 -6.13 -12.15
CA TYR B 472 9.37 -6.69 -11.16
C TYR B 472 8.17 -7.29 -11.84
N ASP B 473 7.48 -8.18 -11.14
CA ASP B 473 6.28 -8.82 -11.66
C ASP B 473 5.40 -9.19 -10.47
N ARG B 474 4.22 -9.75 -10.73
CA ARG B 474 3.31 -10.10 -9.64
C ARG B 474 3.96 -10.94 -8.55
N LEU B 475 3.76 -10.55 -7.30
CA LEU B 475 4.37 -11.26 -6.17
C LEU B 475 3.96 -12.72 -6.10
N PHE B 476 2.69 -13.00 -6.35
CA PHE B 476 2.18 -14.36 -6.31
C PHE B 476 1.76 -14.86 -7.68
N SER B 477 1.79 -16.17 -7.86
CA SER B 477 1.44 -16.77 -9.13
C SER B 477 -0.05 -17.07 -9.28
N VAL B 478 -0.84 -16.77 -8.25
CA VAL B 478 -2.29 -17.01 -8.31
C VAL B 478 -3.06 -15.73 -8.00
N PRO B 479 -4.26 -15.58 -8.59
CA PRO B 479 -5.15 -14.42 -8.43
C PRO B 479 -5.52 -14.10 -6.99
N ASN B 480 -5.70 -15.15 -6.19
CA ASN B 480 -6.09 -14.97 -4.80
C ASN B 480 -5.21 -15.80 -3.86
N PRO B 481 -3.95 -15.38 -3.68
CA PRO B 481 -3.01 -16.08 -2.81
C PRO B 481 -3.47 -16.10 -1.35
N GLY B 482 -4.19 -15.07 -0.96
CA GLY B 482 -4.68 -14.99 0.41
C GLY B 482 -5.61 -16.11 0.78
N ALA B 483 -6.10 -16.83 -0.23
CA ALA B 483 -7.01 -17.95 0.00
C ALA B 483 -6.36 -19.28 -0.30
N ALA B 484 -5.05 -19.35 -0.10
CA ALA B 484 -4.33 -20.59 -0.35
C ALA B 484 -4.03 -21.19 1.01
N ASP B 485 -3.79 -22.49 1.05
CA ASP B 485 -3.49 -23.16 2.30
C ASP B 485 -2.23 -22.55 2.88
N ASP B 486 -1.21 -22.43 2.03
CA ASP B 486 0.05 -21.83 2.42
C ASP B 486 0.36 -20.78 1.36
N PHE B 487 -0.04 -19.53 1.61
CA PHE B 487 0.19 -18.49 0.62
C PHE B 487 1.66 -18.30 0.24
N LEU B 488 2.56 -18.57 1.17
CA LEU B 488 4.00 -18.40 0.89
C LEU B 488 4.47 -19.38 -0.18
N SER B 489 3.87 -20.57 -0.20
CA SER B 489 4.26 -21.58 -1.17
C SER B 489 3.77 -21.22 -2.56
N VAL B 490 3.08 -20.10 -2.67
CA VAL B 490 2.57 -19.70 -3.96
C VAL B 490 3.20 -18.39 -4.45
N ILE B 491 4.31 -18.01 -3.82
CA ILE B 491 5.03 -16.79 -4.21
C ILE B 491 5.56 -17.00 -5.63
N ASN B 492 5.63 -15.93 -6.40
CA ASN B 492 6.13 -16.01 -7.77
C ASN B 492 7.63 -15.89 -7.74
N PRO B 493 8.35 -16.96 -8.11
CA PRO B 493 9.82 -17.00 -8.14
C PRO B 493 10.43 -15.95 -9.05
N GLU B 494 9.63 -15.38 -9.93
CA GLU B 494 10.13 -14.34 -10.83
C GLU B 494 9.54 -12.97 -10.54
N SER B 495 9.09 -12.74 -9.30
CA SER B 495 8.52 -11.44 -8.93
C SER B 495 9.59 -10.37 -9.11
N LEU B 496 10.85 -10.79 -9.02
CA LEU B 496 11.99 -9.90 -9.21
C LEU B 496 13.04 -10.58 -10.08
N VAL B 497 13.44 -9.93 -11.15
CA VAL B 497 14.47 -10.48 -12.03
C VAL B 497 15.45 -9.35 -12.29
N ILE B 498 16.70 -9.56 -11.90
CA ILE B 498 17.73 -8.55 -12.04
C ILE B 498 18.61 -8.67 -13.28
N LYS B 499 18.63 -7.60 -14.08
CA LYS B 499 19.40 -7.56 -15.30
C LYS B 499 20.42 -6.42 -15.28
N GLN B 500 21.58 -6.65 -15.90
CA GLN B 500 22.61 -5.62 -15.98
C GLN B 500 22.57 -5.11 -17.41
N GLY B 501 22.22 -3.84 -17.59
CA GLY B 501 22.13 -3.29 -18.94
C GLY B 501 22.93 -2.01 -19.13
N PHE B 502 22.57 -1.25 -20.16
CA PHE B 502 23.26 -0.01 -20.46
C PHE B 502 22.28 1.11 -20.75
N ALA B 503 22.52 2.24 -20.10
CA ALA B 503 21.66 3.42 -20.27
C ALA B 503 22.43 4.57 -20.91
N GLU B 504 21.71 5.46 -21.58
CA GLU B 504 22.33 6.62 -22.21
C GLU B 504 22.94 7.46 -21.06
N PRO B 505 24.11 8.07 -21.28
CA PRO B 505 24.79 8.89 -20.27
C PRO B 505 23.88 9.89 -19.55
N SER B 506 22.84 10.33 -20.25
CA SER B 506 21.86 11.27 -19.72
C SER B 506 21.34 10.89 -18.31
N LEU B 507 21.06 9.61 -18.09
CA LEU B 507 20.56 9.12 -16.80
C LEU B 507 21.58 9.24 -15.67
N LYS B 508 22.79 9.68 -15.99
CA LYS B 508 23.82 9.82 -14.98
C LYS B 508 23.32 10.74 -13.87
N ASP B 509 22.44 11.66 -14.25
CA ASP B 509 21.88 12.62 -13.29
C ASP B 509 20.47 12.27 -12.82
N ALA B 510 20.05 11.02 -13.03
CA ALA B 510 18.72 10.60 -12.61
C ALA B 510 18.54 10.84 -11.11
N VAL B 511 17.38 11.37 -10.74
CA VAL B 511 17.07 11.66 -9.35
C VAL B 511 16.11 10.62 -8.77
N ALA B 512 16.47 10.04 -7.63
CA ALA B 512 15.64 9.04 -6.99
C ALA B 512 14.19 9.48 -6.89
N GLY B 513 13.29 8.54 -7.13
CA GLY B 513 11.88 8.86 -7.06
C GLY B 513 11.32 9.18 -8.44
N LYS B 514 11.91 10.17 -9.11
CA LYS B 514 11.47 10.59 -10.44
C LYS B 514 11.48 9.45 -11.47
N ALA B 515 10.40 9.31 -12.20
CA ALA B 515 10.28 8.26 -13.20
C ALA B 515 10.65 8.75 -14.61
N PHE B 516 11.05 7.79 -15.45
CA PHE B 516 11.42 8.03 -16.84
C PHE B 516 10.75 6.93 -17.64
N GLN B 517 10.53 7.18 -18.92
CA GLN B 517 9.96 6.15 -19.77
C GLN B 517 11.11 5.65 -20.62
N PHE B 518 11.51 4.42 -20.41
CA PHE B 518 12.56 3.85 -21.22
C PHE B 518 11.78 3.41 -22.45
N GLU B 519 11.91 4.21 -23.51
CA GLU B 519 11.22 3.96 -24.78
C GLU B 519 11.21 2.49 -25.17
N ARG B 520 10.03 2.00 -25.56
CA ARG B 520 9.83 0.61 -25.97
C ARG B 520 9.96 -0.41 -24.84
N GLU B 521 10.19 0.05 -23.62
CA GLU B 521 10.34 -0.87 -22.50
C GLU B 521 9.30 -0.63 -21.40
N GLY B 522 9.33 0.55 -20.81
CA GLY B 522 8.38 0.87 -19.76
C GLY B 522 8.85 2.05 -18.93
N TYR B 523 8.27 2.22 -17.75
CA TYR B 523 8.65 3.33 -16.89
C TYR B 523 9.56 2.83 -15.78
N PHE B 524 10.65 3.54 -15.57
CA PHE B 524 11.61 3.14 -14.55
C PHE B 524 11.92 4.32 -13.67
N CYS B 525 12.53 4.05 -12.53
CA CYS B 525 12.93 5.11 -11.61
C CYS B 525 14.11 4.62 -10.79
N LEU B 526 14.86 5.56 -10.25
CA LEU B 526 16.06 5.28 -9.49
C LEU B 526 15.92 4.66 -8.09
N ASP B 527 16.74 5.16 -7.17
CA ASP B 527 16.82 4.70 -5.78
C ASP B 527 16.85 3.20 -5.61
N SER B 528 15.66 2.62 -5.48
CA SER B 528 15.54 1.18 -5.30
C SER B 528 16.32 0.82 -4.04
N ARG B 529 16.61 1.84 -3.23
CA ARG B 529 17.36 1.68 -1.97
C ARG B 529 18.81 1.26 -2.20
N HIS B 530 19.08 0.71 -3.39
CA HIS B 530 20.41 0.23 -3.73
C HIS B 530 21.21 1.14 -4.66
N SER B 531 20.53 1.88 -5.52
CA SER B 531 21.20 2.76 -6.48
C SER B 531 22.22 3.70 -5.86
N THR B 532 23.48 3.56 -6.25
CA THR B 532 24.55 4.40 -5.73
C THR B 532 25.09 5.27 -6.86
N ALA B 533 26.27 5.84 -6.64
CA ALA B 533 26.92 6.70 -7.62
C ALA B 533 27.58 5.85 -8.71
N GLU B 534 28.40 4.89 -8.30
CA GLU B 534 29.10 4.02 -9.23
C GLU B 534 28.13 3.15 -10.01
N LYS B 535 27.30 2.40 -9.29
CA LYS B 535 26.35 1.51 -9.94
C LYS B 535 24.89 1.84 -9.68
N PRO B 536 24.27 2.62 -10.57
CA PRO B 536 22.87 3.04 -10.47
C PRO B 536 21.94 1.82 -10.59
N VAL B 537 20.84 1.84 -9.83
CA VAL B 537 19.87 0.76 -9.87
C VAL B 537 18.51 1.37 -10.20
N PHE B 538 17.83 0.79 -11.18
CA PHE B 538 16.52 1.26 -11.61
C PHE B 538 15.45 0.21 -11.42
N ASN B 539 14.28 0.65 -10.98
CA ASN B 539 13.15 -0.24 -10.79
C ASN B 539 12.16 -0.06 -11.94
N ARG B 540 11.68 -1.15 -12.51
CA ARG B 540 10.69 -1.00 -13.57
C ARG B 540 9.36 -0.82 -12.87
N THR B 541 8.82 0.40 -12.94
CA THR B 541 7.55 0.68 -12.31
C THR B 541 6.45 -0.19 -12.93
N VAL B 542 6.37 -0.16 -14.25
CA VAL B 542 5.38 -0.92 -15.00
C VAL B 542 5.75 -0.93 -16.48
N GLY B 543 5.45 -2.04 -17.15
CA GLY B 543 5.77 -2.16 -18.57
C GLY B 543 4.76 -1.44 -19.44
N LEU B 544 5.15 -1.20 -20.69
CA LEU B 544 4.28 -0.53 -21.64
C LEU B 544 3.23 -1.53 -22.12
N ARG B 545 2.10 -1.03 -22.60
CA ARG B 545 1.06 -1.92 -23.10
C ARG B 545 1.61 -2.59 -24.34
N ASP B 546 1.95 -3.88 -24.24
CA ASP B 546 2.49 -4.62 -25.35
C ASP B 546 1.45 -5.61 -25.89
N THR B 547 0.76 -5.22 -26.96
CA THR B 547 -0.27 -6.07 -27.55
C THR B 547 0.27 -6.87 -28.74
S SO4 C . -5.67 -4.43 7.83
O1 SO4 C . -6.98 -4.75 8.43
O2 SO4 C . -5.67 -4.80 6.40
O3 SO4 C . -4.61 -5.18 8.54
O4 SO4 C . -5.42 -2.98 7.97
S SO4 D . -5.81 -11.37 2.61
O1 SO4 D . -4.51 -11.73 3.17
O2 SO4 D . -5.63 -10.59 1.37
O3 SO4 D . -6.55 -10.53 3.58
O4 SO4 D . -6.57 -12.60 2.32
P AMP E . -6.07 -0.96 10.62
O1P AMP E . -6.41 -2.42 10.35
O2P AMP E . -4.58 -0.67 10.46
O3P AMP E . -6.59 -0.46 11.96
O5' AMP E . -6.88 -0.12 9.47
C5' AMP E . -7.32 1.24 9.70
C4' AMP E . -8.51 1.53 8.83
O4' AMP E . -8.18 1.26 7.46
C3' AMP E . -9.71 0.65 9.12
O3' AMP E . -10.52 1.28 10.13
C2' AMP E . -10.46 0.66 7.80
O2' AMP E . -11.31 1.79 7.73
C1' AMP E . -9.33 0.79 6.77
N9 AMP E . -8.97 -0.42 6.03
C8 AMP E . -8.23 -1.49 6.45
N7 AMP E . -8.04 -2.39 5.52
C5 AMP E . -8.70 -1.89 4.42
C6 AMP E . -8.86 -2.37 3.11
N6 AMP E . -8.34 -3.51 2.66
N1 AMP E . -9.59 -1.61 2.25
C2 AMP E . -10.11 -0.46 2.69
N3 AMP E . -10.01 0.10 3.89
C4 AMP E . -9.29 -0.67 4.72
N GLN F . -8.65 0.31 13.42
CA GLN F . -9.59 -0.78 12.99
C GLN F . -8.95 -1.74 11.98
O GLN F . -9.40 -1.75 10.81
CB GLN F . -10.84 -0.18 12.36
CG GLN F . -11.56 0.84 13.18
CD GLN F . -12.79 1.35 12.45
OE1 GLN F . -12.71 1.63 11.25
NE2 GLN F . -13.93 1.48 13.16
OXT GLN F . -8.01 -2.49 12.37
#